data_9FQS
#
_entry.id   9FQS
#
_cell.length_a   40.11
_cell.length_b   106.51
_cell.length_c   175.751
_cell.angle_alpha   90
_cell.angle_beta   90
_cell.angle_gamma   90
#
_symmetry.space_group_name_H-M   'C 2 2 21'
#
loop_
_entity.id
_entity.type
_entity.pdbx_description
1 polymer 'Epidermal growth factor receptor'
2 non-polymer 1,2-ETHANEDIOL
3 non-polymer 3-[(3-fluoranyl-2-methoxy-phenyl)amino]-2-[3-[2-[(2R)-1-propanoylpyrrolidin-2-yl]ethynyl]pyridin-4-yl]-1,5,6,7-tetrahydropyrrolo[3,2-c]pyridin-4-one
4 water water
#
_entity_poly.entity_id   1
_entity_poly.type   'polypeptide(L)'
_entity_poly.pdbx_seq_one_letter_code
;MSGEAPNQALLRILKETEFKKIKVLGSGAFGTVYKGLWIPEGEKVKIPVAIKELREATSPKANKEILDEAYVMASVDNPG
NPHVCRLLGICLTSTVQLITQLMPFGCLLDYVREHKDNIGSQYLLNWCVQIAKGMNYLEDRRLVHRDLAARNVLVKTPQH
VKITDFGLAKLLGAEEKEYHAEGGKVPIKWMALESILHRIYTHQSDVWSYGVTVWELMTFGSKPYDGIPASEISSILEKG
ERLPQPPICTIDVYMIMRKCWMIDADSRPKFRELIIEFSKMARDPQRYLVIQGDERMHLPSPTDSNFYRALMDEEDMDDV
VDADEYLIPQQGHHHHHH
;
_entity_poly.pdbx_strand_id   A
#
loop_
_chem_comp.id
_chem_comp.type
_chem_comp.name
_chem_comp.formula
A1IE0 non-polymer 3-[(3-fluoranyl-2-methoxy-phenyl)amino]-2-[3-[2-[(2R)-1-propanoylpyrrolidin-2-yl]ethynyl]pyridin-4-yl]-1,5,6,7-tetrahydropyrrolo[3,2-c]pyridin-4-one 'C28 H28 F N5 O3'
EDO non-polymer 1,2-ETHANEDIOL 'C2 H6 O2'
#
# COMPACT_ATOMS: atom_id res chain seq x y z
N GLN A 8 8.46 -19.86 9.07
CA GLN A 8 9.06 -20.56 7.94
C GLN A 8 8.38 -20.17 6.61
N ALA A 9 9.18 -19.96 5.56
CA ALA A 9 8.66 -19.54 4.25
C ALA A 9 8.43 -20.74 3.32
N LEU A 10 7.18 -20.97 2.88
CA LEU A 10 6.81 -22.09 2.01
C LEU A 10 6.02 -21.59 0.80
N LEU A 11 6.56 -21.77 -0.42
CA LEU A 11 5.88 -21.33 -1.65
C LEU A 11 5.16 -22.47 -2.34
N ARG A 12 3.88 -22.29 -2.68
CA ARG A 12 3.14 -23.26 -3.45
C ARG A 12 3.43 -22.97 -4.92
N ILE A 13 3.94 -23.95 -5.68
CA ILE A 13 4.18 -23.75 -7.11
C ILE A 13 2.95 -24.25 -7.81
N LEU A 14 2.24 -23.35 -8.46
CA LEU A 14 0.99 -23.67 -9.12
C LEU A 14 1.32 -24.01 -10.58
N LYS A 15 0.81 -25.16 -11.03
CA LYS A 15 1.08 -25.63 -12.40
C LYS A 15 0.40 -24.69 -13.38
N GLU A 16 1.12 -24.24 -14.40
CA GLU A 16 0.56 -23.35 -15.41
C GLU A 16 -0.76 -23.88 -16.03
N THR A 17 -0.90 -25.22 -16.23
CA THR A 17 -2.12 -25.84 -16.77
C THR A 17 -3.36 -25.61 -15.87
N GLU A 18 -3.18 -25.15 -14.62
CA GLU A 18 -4.29 -24.84 -13.72
C GLU A 18 -4.90 -23.44 -14.00
N PHE A 19 -4.27 -22.59 -14.83
CA PHE A 19 -4.78 -21.25 -15.10
C PHE A 19 -5.46 -21.15 -16.45
N LYS A 20 -6.60 -20.46 -16.49
CA LYS A 20 -7.36 -20.23 -17.70
C LYS A 20 -7.83 -18.77 -17.75
N LYS A 21 -8.21 -18.30 -18.96
CA LYS A 21 -8.72 -16.97 -19.21
C LYS A 21 -7.79 -15.85 -18.73
N ILE A 22 -6.46 -15.99 -18.94
CA ILE A 22 -5.52 -14.95 -18.53
C ILE A 22 -5.60 -13.80 -19.56
N LYS A 23 -5.77 -12.56 -19.07
CA LYS A 23 -5.84 -11.34 -19.89
C LYS A 23 -5.06 -10.23 -19.13
N VAL A 24 -4.34 -9.36 -19.87
CA VAL A 24 -3.59 -8.26 -19.26
C VAL A 24 -4.58 -7.31 -18.59
N LEU A 25 -4.26 -6.84 -17.37
CA LEU A 25 -5.07 -5.82 -16.69
C LEU A 25 -4.38 -4.47 -16.95
N GLY A 26 -3.08 -4.39 -16.70
CA GLY A 26 -2.33 -3.17 -16.94
C GLY A 26 -0.85 -3.33 -16.65
N SER A 27 -0.07 -2.33 -17.04
CA SER A 27 1.38 -2.32 -16.86
C SER A 27 1.81 -0.98 -16.26
N GLY A 28 2.99 -0.95 -15.67
CA GLY A 28 3.54 0.26 -15.07
C GLY A 28 4.89 0.00 -14.45
N ALA A 29 5.28 0.84 -13.49
CA ALA A 29 6.56 0.66 -12.78
C ALA A 29 6.64 -0.68 -12.05
N PHE A 30 5.48 -1.22 -11.61
CA PHE A 30 5.36 -2.53 -10.95
C PHE A 30 5.56 -3.76 -11.87
N GLY A 31 5.63 -3.54 -13.19
CA GLY A 31 5.71 -4.62 -14.16
C GLY A 31 4.40 -4.76 -14.90
N THR A 32 3.91 -5.99 -15.09
CA THR A 32 2.65 -6.27 -15.77
C THR A 32 1.79 -7.12 -14.86
N VAL A 33 0.52 -6.77 -14.74
CA VAL A 33 -0.42 -7.54 -13.94
C VAL A 33 -1.49 -8.04 -14.91
N TYR A 34 -1.80 -9.33 -14.82
CA TYR A 34 -2.87 -9.96 -15.58
C TYR A 34 -3.91 -10.45 -14.57
N LYS A 35 -5.12 -10.74 -15.06
CA LYS A 35 -6.15 -11.40 -14.27
C LYS A 35 -6.37 -12.80 -14.90
N GLY A 36 -6.86 -13.72 -14.10
CA GLY A 36 -7.13 -15.07 -14.59
C GLY A 36 -7.97 -15.86 -13.62
N LEU A 37 -8.16 -17.15 -13.95
CA LEU A 37 -8.91 -18.08 -13.13
C LEU A 37 -7.99 -19.21 -12.81
N TRP A 38 -7.81 -19.51 -11.52
CA TRP A 38 -6.97 -20.61 -11.07
C TRP A 38 -7.91 -21.74 -10.66
N ILE A 39 -7.78 -22.92 -11.29
CA ILE A 39 -8.60 -24.09 -10.99
C ILE A 39 -7.66 -25.10 -10.32
N PRO A 40 -7.58 -25.15 -8.97
CA PRO A 40 -6.61 -26.07 -8.34
C PRO A 40 -6.78 -27.55 -8.69
N GLU A 41 -5.69 -28.32 -8.56
CA GLU A 41 -5.70 -29.75 -8.86
C GLU A 41 -6.58 -30.50 -7.89
N GLY A 42 -7.50 -31.30 -8.42
CA GLY A 42 -8.44 -32.09 -7.63
C GLY A 42 -9.74 -31.37 -7.38
N GLU A 43 -9.68 -30.06 -7.09
CA GLU A 43 -10.85 -29.24 -6.81
C GLU A 43 -11.31 -28.54 -8.10
N LYS A 44 -12.63 -28.43 -8.31
CA LYS A 44 -13.18 -27.74 -9.48
C LYS A 44 -13.47 -26.24 -9.23
N VAL A 45 -13.06 -25.69 -8.05
CA VAL A 45 -13.30 -24.27 -7.77
C VAL A 45 -12.52 -23.39 -8.77
N LYS A 46 -13.15 -22.31 -9.25
CA LYS A 46 -12.49 -21.38 -10.17
C LYS A 46 -12.24 -20.12 -9.38
N ILE A 47 -10.98 -19.90 -8.97
CA ILE A 47 -10.59 -18.78 -8.13
C ILE A 47 -10.08 -17.58 -8.97
N PRO A 48 -10.76 -16.40 -9.00
CA PRO A 48 -10.19 -15.25 -9.73
C PRO A 48 -8.86 -14.83 -9.10
N VAL A 49 -7.81 -14.72 -9.92
CA VAL A 49 -6.47 -14.38 -9.47
C VAL A 49 -5.89 -13.20 -10.25
N ALA A 50 -4.89 -12.54 -9.66
CA ALA A 50 -4.08 -11.54 -10.31
C ALA A 50 -2.70 -12.20 -10.41
N ILE A 51 -2.00 -11.98 -11.53
CA ILE A 51 -0.71 -12.60 -11.83
C ILE A 51 0.25 -11.47 -12.14
N LYS A 52 1.39 -11.39 -11.44
CA LYS A 52 2.34 -10.31 -11.66
C LYS A 52 3.69 -10.80 -12.19
N GLU A 53 4.26 -10.06 -13.16
CA GLU A 53 5.59 -10.21 -13.74
C GLU A 53 6.29 -8.88 -13.61
N LEU A 54 7.60 -8.87 -13.43
CA LEU A 54 8.33 -7.60 -13.40
C LEU A 54 8.62 -7.12 -14.82
N ARG A 55 9.01 -5.84 -14.96
CA ARG A 55 9.39 -5.27 -16.24
C ARG A 55 10.72 -5.94 -16.63
N GLU A 56 10.90 -6.26 -17.92
CA GLU A 56 12.10 -6.94 -18.40
C GLU A 56 12.05 -8.39 -17.87
N ALA A 62 16.14 -9.75 -12.62
CA ALA A 62 14.70 -9.71 -12.82
C ALA A 62 14.05 -10.90 -12.09
N ASN A 63 14.54 -12.13 -12.31
CA ASN A 63 14.05 -13.30 -11.57
C ASN A 63 14.48 -13.17 -10.09
N LYS A 64 15.68 -12.63 -9.82
CA LYS A 64 16.19 -12.37 -8.48
C LYS A 64 15.22 -11.49 -7.69
N GLU A 65 14.76 -10.37 -8.27
CA GLU A 65 13.88 -9.45 -7.57
C GLU A 65 12.50 -10.04 -7.24
N ILE A 66 11.82 -10.68 -8.22
CA ILE A 66 10.47 -11.22 -7.96
C ILE A 66 10.50 -12.38 -6.95
N LEU A 67 11.57 -13.21 -6.96
CA LEU A 67 11.69 -14.30 -5.97
C LEU A 67 11.92 -13.73 -4.58
N ASP A 68 12.70 -12.65 -4.46
CA ASP A 68 12.90 -11.99 -3.16
C ASP A 68 11.57 -11.46 -2.62
N GLU A 69 10.74 -10.91 -3.52
CA GLU A 69 9.40 -10.43 -3.14
C GLU A 69 8.55 -11.63 -2.67
N ALA A 70 8.61 -12.78 -3.37
CA ALA A 70 7.84 -13.97 -2.97
C ALA A 70 8.28 -14.43 -1.57
N TYR A 71 9.61 -14.50 -1.33
CA TYR A 71 10.18 -14.87 -0.04
C TYR A 71 9.64 -13.98 1.09
N VAL A 72 9.68 -12.67 0.92
CA VAL A 72 9.19 -11.73 1.95
C VAL A 72 7.71 -11.99 2.27
N MET A 73 6.89 -12.18 1.23
CA MET A 73 5.45 -12.40 1.42
C MET A 73 5.19 -13.74 2.13
N ALA A 74 5.89 -14.81 1.75
CA ALA A 74 5.73 -16.10 2.42
C ALA A 74 6.24 -16.02 3.86
N SER A 75 7.31 -15.26 4.13
CA SER A 75 7.86 -15.06 5.49
C SER A 75 6.87 -14.42 6.46
N VAL A 76 5.97 -13.54 5.99
CA VAL A 76 5.01 -12.87 6.88
C VAL A 76 3.57 -13.41 6.71
N ASP A 77 3.39 -14.58 6.06
CA ASP A 77 2.06 -15.17 5.78
C ASP A 77 1.38 -15.79 7.00
N ASN A 78 2.13 -16.10 8.06
CA ASN A 78 1.59 -16.72 9.26
C ASN A 78 1.81 -15.81 10.47
N PRO A 79 0.77 -15.39 11.23
CA PRO A 79 -0.69 -15.67 11.07
C PRO A 79 -1.37 -14.98 9.88
N GLY A 80 -0.77 -13.93 9.32
CA GLY A 80 -1.33 -13.11 8.26
C GLY A 80 -2.20 -12.00 8.84
N ASN A 81 -2.75 -11.12 7.97
CA ASN A 81 -3.60 -10.01 8.43
C ASN A 81 -4.60 -9.61 7.33
N PRO A 82 -5.85 -9.22 7.66
CA PRO A 82 -6.81 -8.87 6.57
C PRO A 82 -6.37 -7.69 5.69
N HIS A 83 -5.46 -6.82 6.18
CA HIS A 83 -5.03 -5.63 5.43
C HIS A 83 -3.62 -5.78 4.84
N VAL A 84 -3.16 -7.04 4.64
CA VAL A 84 -1.86 -7.33 4.02
C VAL A 84 -2.13 -8.38 2.96
N CYS A 85 -1.71 -8.11 1.71
N CYS A 85 -1.74 -8.11 1.70
CA CYS A 85 -1.88 -8.99 0.55
CA CYS A 85 -1.94 -9.06 0.61
C CYS A 85 -1.10 -10.29 0.79
C CYS A 85 -1.13 -10.32 0.86
N ARG A 86 -1.71 -11.46 0.53
CA ARG A 86 -1.03 -12.74 0.71
C ARG A 86 -0.85 -13.45 -0.63
N LEU A 87 0.32 -14.02 -0.81
CA LEU A 87 0.71 -14.73 -2.03
C LEU A 87 0.04 -16.11 -2.02
N LEU A 88 -0.78 -16.42 -3.03
CA LEU A 88 -1.36 -17.77 -3.17
C LEU A 88 -0.27 -18.79 -3.60
N GLY A 89 0.69 -18.33 -4.37
CA GLY A 89 1.81 -19.14 -4.84
C GLY A 89 2.54 -18.46 -5.98
N ILE A 90 3.41 -19.20 -6.65
CA ILE A 90 4.17 -18.71 -7.79
C ILE A 90 3.98 -19.66 -8.99
N CYS A 91 4.25 -19.18 -10.20
N CYS A 91 4.27 -19.17 -10.20
CA CYS A 91 4.18 -19.99 -11.41
CA CYS A 91 4.20 -19.95 -11.43
C CYS A 91 5.49 -19.83 -12.17
C CYS A 91 5.52 -19.83 -12.16
N LEU A 92 6.00 -20.94 -12.74
CA LEU A 92 7.24 -20.94 -13.50
C LEU A 92 6.94 -21.29 -14.95
N THR A 93 6.92 -20.29 -15.84
CA THR A 93 6.73 -20.48 -17.29
C THR A 93 7.95 -19.72 -17.93
N SER A 94 7.80 -18.94 -19.03
CA SER A 94 8.92 -18.18 -19.57
C SER A 94 9.46 -17.14 -18.57
N THR A 95 8.63 -16.74 -17.58
CA THR A 95 8.98 -15.82 -16.49
C THR A 95 8.47 -16.42 -15.15
N VAL A 96 8.99 -15.92 -14.03
CA VAL A 96 8.48 -16.30 -12.71
C VAL A 96 7.36 -15.28 -12.45
N GLN A 97 6.18 -15.75 -12.04
CA GLN A 97 5.04 -14.90 -11.75
C GLN A 97 4.53 -15.12 -10.35
N LEU A 98 4.03 -14.06 -9.71
CA LEU A 98 3.42 -14.16 -8.39
C LEU A 98 1.94 -14.29 -8.60
N ILE A 99 1.28 -15.07 -7.76
CA ILE A 99 -0.17 -15.29 -7.87
C ILE A 99 -0.82 -14.85 -6.57
N THR A 100 -1.89 -14.07 -6.66
CA THR A 100 -2.65 -13.63 -5.49
C THR A 100 -4.13 -13.59 -5.85
N GLN A 101 -4.99 -13.46 -4.85
CA GLN A 101 -6.43 -13.31 -5.08
C GLN A 101 -6.66 -11.97 -5.80
N LEU A 102 -7.50 -11.98 -6.82
CA LEU A 102 -7.79 -10.78 -7.60
C LEU A 102 -8.55 -9.79 -6.73
N MET A 103 -8.11 -8.50 -6.75
CA MET A 103 -8.74 -7.40 -6.01
C MET A 103 -9.55 -6.71 -7.09
N PRO A 104 -10.85 -7.04 -7.23
CA PRO A 104 -11.61 -6.56 -8.40
C PRO A 104 -11.81 -5.05 -8.51
N PHE A 105 -11.65 -4.29 -7.41
CA PHE A 105 -11.76 -2.84 -7.48
C PHE A 105 -10.38 -2.15 -7.78
N GLY A 106 -9.30 -2.91 -7.95
CA GLY A 106 -8.00 -2.38 -8.30
C GLY A 106 -7.24 -1.68 -7.18
N CYS A 107 -6.27 -0.84 -7.56
CA CYS A 107 -5.44 -0.12 -6.59
C CYS A 107 -6.19 1.09 -6.03
N LEU A 108 -5.89 1.43 -4.78
CA LEU A 108 -6.55 2.53 -4.10
C LEU A 108 -6.22 3.88 -4.73
N LEU A 109 -5.03 4.06 -5.34
CA LEU A 109 -4.72 5.34 -6.00
C LEU A 109 -5.71 5.60 -7.15
N ASP A 110 -5.89 4.65 -8.06
CA ASP A 110 -6.87 4.82 -9.15
C ASP A 110 -8.29 4.93 -8.63
N TYR A 111 -8.65 4.12 -7.60
CA TYR A 111 -9.97 4.12 -6.98
C TYR A 111 -10.36 5.50 -6.44
N VAL A 112 -9.46 6.16 -5.66
CA VAL A 112 -9.79 7.49 -5.12
C VAL A 112 -9.92 8.52 -6.25
N ARG A 113 -9.11 8.39 -7.32
CA ARG A 113 -9.18 9.30 -8.44
C ARG A 113 -10.47 9.13 -9.24
N GLU A 114 -10.96 7.89 -9.38
CA GLU A 114 -12.16 7.61 -10.17
C GLU A 114 -13.47 7.83 -9.41
N HIS A 115 -13.52 7.54 -8.10
CA HIS A 115 -14.74 7.70 -7.29
C HIS A 115 -14.72 8.90 -6.32
N LYS A 116 -14.00 9.98 -6.65
N LYS A 116 -14.03 10.01 -6.68
CA LYS A 116 -13.90 11.16 -5.80
CA LYS A 116 -13.90 11.20 -5.83
C LYS A 116 -15.28 11.70 -5.33
C LYS A 116 -15.26 11.72 -5.35
N ASP A 117 -16.24 11.82 -6.25
CA ASP A 117 -17.56 12.38 -5.93
C ASP A 117 -18.45 11.50 -5.04
N ASN A 118 -18.03 10.26 -4.71
CA ASN A 118 -18.81 9.40 -3.81
C ASN A 118 -18.02 8.89 -2.60
N ILE A 119 -16.80 9.40 -2.37
CA ILE A 119 -16.01 8.94 -1.23
C ILE A 119 -16.29 9.87 -0.05
N GLY A 120 -16.95 9.33 0.96
CA GLY A 120 -17.26 10.09 2.16
C GLY A 120 -16.15 10.00 3.19
N SER A 121 -16.30 10.78 4.27
CA SER A 121 -15.32 10.84 5.36
C SER A 121 -15.10 9.50 6.06
N GLN A 122 -16.18 8.70 6.27
CA GLN A 122 -16.05 7.40 6.94
C GLN A 122 -15.10 6.48 6.18
N TYR A 123 -15.17 6.46 4.84
CA TYR A 123 -14.31 5.63 4.00
C TYR A 123 -12.85 6.04 4.09
N LEU A 124 -12.56 7.34 4.02
CA LEU A 124 -11.18 7.81 4.07
C LEU A 124 -10.55 7.51 5.41
N LEU A 125 -11.32 7.71 6.50
CA LEU A 125 -10.78 7.46 7.82
C LEU A 125 -10.61 5.96 8.09
N ASN A 126 -11.56 5.11 7.65
CA ASN A 126 -11.42 3.66 7.82
C ASN A 126 -10.24 3.13 6.99
N TRP A 127 -9.95 3.69 5.80
CA TRP A 127 -8.80 3.25 4.99
C TRP A 127 -7.50 3.55 5.77
N CYS A 128 -7.42 4.73 6.39
CA CYS A 128 -6.28 5.13 7.21
C CYS A 128 -6.09 4.14 8.37
N VAL A 129 -7.16 3.76 9.05
CA VAL A 129 -7.10 2.77 10.16
C VAL A 129 -6.57 1.43 9.61
N GLN A 130 -7.11 0.96 8.48
CA GLN A 130 -6.76 -0.34 7.96
C GLN A 130 -5.34 -0.44 7.46
N ILE A 131 -4.85 0.62 6.81
CA ILE A 131 -3.46 0.66 6.36
C ILE A 131 -2.55 0.65 7.60
N ALA A 132 -2.91 1.40 8.67
CA ALA A 132 -2.08 1.39 9.89
C ALA A 132 -2.11 0.00 10.55
N LYS A 133 -3.25 -0.70 10.51
CA LYS A 133 -3.35 -2.06 11.06
C LYS A 133 -2.43 -3.04 10.30
N GLY A 134 -2.43 -2.97 8.97
CA GLY A 134 -1.57 -3.82 8.16
C GLY A 134 -0.11 -3.52 8.39
N MET A 135 0.25 -2.21 8.50
CA MET A 135 1.64 -1.83 8.79
C MET A 135 2.06 -2.23 10.20
N ASN A 136 1.18 -2.13 11.19
CA ASN A 136 1.50 -2.57 12.56
C ASN A 136 1.81 -4.08 12.57
N TYR A 137 1.04 -4.87 11.80
CA TYR A 137 1.26 -6.31 11.64
C TYR A 137 2.67 -6.57 11.06
N LEU A 138 3.04 -5.82 10.02
CA LEU A 138 4.34 -5.98 9.37
C LEU A 138 5.48 -5.56 10.30
N GLU A 139 5.31 -4.49 11.07
CA GLU A 139 6.32 -4.06 12.05
C GLU A 139 6.56 -5.18 13.09
N ASP A 140 5.49 -5.83 13.58
CA ASP A 140 5.62 -6.94 14.55
C ASP A 140 6.38 -8.14 13.94
N ARG A 141 6.33 -8.32 12.63
CA ARG A 141 7.09 -9.37 11.94
C ARG A 141 8.50 -8.85 11.52
N ARG A 142 8.98 -7.70 12.08
CA ARG A 142 10.28 -7.09 11.77
C ARG A 142 10.44 -6.71 10.29
N LEU A 143 9.35 -6.41 9.58
CA LEU A 143 9.41 -6.11 8.16
C LEU A 143 9.32 -4.59 7.90
N VAL A 144 10.30 -4.02 7.16
CA VAL A 144 10.30 -2.61 6.76
C VAL A 144 9.84 -2.66 5.30
N HIS A 145 8.67 -2.09 4.99
CA HIS A 145 8.09 -2.18 3.66
C HIS A 145 8.88 -1.38 2.60
N ARG A 146 9.26 -0.11 2.91
CA ARG A 146 10.04 0.79 2.06
C ARG A 146 9.31 1.28 0.81
N ASP A 147 8.07 0.83 0.53
CA ASP A 147 7.34 1.33 -0.64
C ASP A 147 5.85 1.55 -0.38
N LEU A 148 5.50 2.08 0.82
CA LEU A 148 4.09 2.33 1.11
C LEU A 148 3.65 3.59 0.35
N ALA A 149 2.57 3.47 -0.40
CA ALA A 149 2.03 4.52 -1.26
C ALA A 149 0.62 4.10 -1.71
N ALA A 150 -0.24 5.03 -2.08
CA ALA A 150 -1.60 4.68 -2.50
C ALA A 150 -1.63 3.75 -3.71
N ARG A 151 -0.60 3.80 -4.59
CA ARG A 151 -0.48 2.88 -5.73
C ARG A 151 -0.26 1.40 -5.28
N ASN A 152 0.27 1.18 -4.04
CA ASN A 152 0.57 -0.15 -3.50
C ASN A 152 -0.40 -0.56 -2.37
N VAL A 153 -1.62 -0.05 -2.42
CA VAL A 153 -2.71 -0.43 -1.53
C VAL A 153 -3.82 -0.85 -2.53
N LEU A 154 -4.43 -2.01 -2.28
CA LEU A 154 -5.48 -2.59 -3.14
C LEU A 154 -6.82 -2.57 -2.46
N VAL A 155 -7.87 -2.53 -3.25
CA VAL A 155 -9.24 -2.42 -2.77
C VAL A 155 -9.94 -3.77 -2.96
N LYS A 156 -10.13 -4.52 -1.87
CA LYS A 156 -10.84 -5.81 -1.96
C LYS A 156 -12.32 -5.48 -2.20
N THR A 157 -12.86 -4.60 -1.35
CA THR A 157 -14.19 -4.01 -1.45
C THR A 157 -13.99 -2.50 -1.14
N PRO A 158 -14.90 -1.56 -1.51
CA PRO A 158 -14.70 -0.16 -1.09
C PRO A 158 -14.44 0.01 0.43
N GLN A 159 -14.94 -0.92 1.27
CA GLN A 159 -14.77 -0.89 2.73
C GLN A 159 -13.54 -1.69 3.27
N HIS A 160 -12.75 -2.35 2.41
CA HIS A 160 -11.66 -3.23 2.87
C HIS A 160 -10.48 -3.11 1.92
N VAL A 161 -9.34 -2.58 2.43
CA VAL A 161 -8.11 -2.38 1.65
C VAL A 161 -6.95 -3.21 2.22
N LYS A 162 -5.95 -3.50 1.36
CA LYS A 162 -4.80 -4.35 1.68
C LYS A 162 -3.54 -3.75 1.12
N ILE A 163 -2.44 -3.85 1.87
CA ILE A 163 -1.12 -3.40 1.44
C ILE A 163 -0.53 -4.46 0.54
N THR A 164 0.07 -4.06 -0.58
CA THR A 164 0.71 -4.98 -1.51
C THR A 164 2.14 -4.45 -1.90
N ASP A 165 2.85 -5.19 -2.79
CA ASP A 165 4.14 -4.83 -3.36
C ASP A 165 5.26 -4.83 -2.33
N PHE A 166 5.83 -6.01 -2.15
CA PHE A 166 6.95 -6.20 -1.24
C PHE A 166 8.29 -6.23 -2.02
N GLY A 167 8.34 -5.60 -3.20
CA GLY A 167 9.53 -5.53 -4.05
C GLY A 167 10.73 -4.88 -3.41
N LEU A 168 10.53 -3.86 -2.56
CA LEU A 168 11.64 -3.23 -1.80
C LEU A 168 11.67 -3.63 -0.32
N ALA A 169 10.71 -4.42 0.15
CA ALA A 169 10.61 -4.75 1.56
C ALA A 169 11.78 -5.59 2.09
N LYS A 170 12.17 -5.34 3.35
CA LYS A 170 13.30 -6.02 3.98
C LYS A 170 12.97 -6.50 5.38
N LEU A 171 13.47 -7.68 5.74
CA LEU A 171 13.28 -8.25 7.07
C LEU A 171 14.50 -7.85 7.89
N LEU A 172 14.29 -7.29 9.08
CA LEU A 172 15.40 -6.90 9.94
C LEU A 172 15.81 -8.10 10.76
N GLY A 173 17.11 -8.33 10.87
CA GLY A 173 17.63 -9.41 11.71
C GLY A 173 17.33 -9.14 13.16
N ALA A 174 17.37 -10.19 14.00
CA ALA A 174 17.05 -10.10 15.43
C ALA A 174 17.72 -8.94 16.18
N GLU A 175 18.99 -8.62 15.87
CA GLU A 175 19.70 -7.53 16.55
C GLU A 175 19.84 -6.28 15.67
N GLU A 176 18.93 -6.09 14.67
CA GLU A 176 18.97 -4.96 13.74
C GLU A 176 17.72 -4.08 13.85
N LYS A 177 17.93 -2.76 13.96
CA LYS A 177 16.86 -1.76 14.03
C LYS A 177 16.68 -0.98 12.71
N GLU A 178 17.68 -1.03 11.80
CA GLU A 178 17.64 -0.29 10.55
C GLU A 178 18.21 -1.09 9.39
N TYR A 179 17.78 -0.76 8.17
CA TYR A 179 18.26 -1.37 6.94
C TYR A 179 19.01 -0.28 6.18
N HIS A 180 20.26 -0.58 5.75
N HIS A 180 20.27 -0.55 5.76
CA HIS A 180 21.10 0.32 4.97
CA HIS A 180 21.04 0.40 4.97
C HIS A 180 21.03 -0.11 3.51
C HIS A 180 21.03 -0.08 3.52
N ALA A 181 20.42 0.70 2.64
CA ALA A 181 20.26 0.35 1.24
C ALA A 181 21.54 0.58 0.38
N GLU A 182 21.57 0.01 -0.83
CA GLU A 182 22.66 0.21 -1.80
C GLU A 182 22.15 1.31 -2.80
N GLY A 183 22.44 1.24 -4.10
CA GLY A 183 22.02 2.29 -5.04
C GLY A 183 20.81 1.99 -5.90
N GLY A 184 19.97 1.05 -5.51
CA GLY A 184 18.78 0.72 -6.30
C GLY A 184 17.80 1.87 -6.39
N LYS A 185 16.86 1.81 -7.36
CA LYS A 185 15.87 2.88 -7.51
C LYS A 185 14.85 2.85 -6.35
N VAL A 186 14.51 4.04 -5.82
CA VAL A 186 13.63 4.17 -4.66
C VAL A 186 12.65 5.36 -4.83
N PRO A 187 11.44 5.31 -4.20
CA PRO A 187 10.46 6.40 -4.39
C PRO A 187 10.75 7.62 -3.51
N ILE A 188 11.57 8.55 -4.01
CA ILE A 188 12.01 9.74 -3.24
C ILE A 188 10.87 10.56 -2.60
N LYS A 189 9.80 10.85 -3.34
CA LYS A 189 8.73 11.71 -2.82
C LYS A 189 7.86 11.07 -1.70
N TRP A 190 8.05 9.77 -1.42
CA TRP A 190 7.37 9.06 -0.32
C TRP A 190 8.36 8.73 0.83
N MET A 191 9.65 9.09 0.70
CA MET A 191 10.67 8.71 1.66
C MET A 191 10.98 9.71 2.74
N ALA A 192 11.35 9.18 3.90
CA ALA A 192 11.81 10.01 5.02
C ALA A 192 13.12 10.70 4.64
N LEU A 193 13.38 11.87 5.26
CA LEU A 193 14.59 12.63 4.94
C LEU A 193 15.88 11.80 5.18
N GLU A 194 15.94 11.04 6.29
CA GLU A 194 17.11 10.22 6.58
C GLU A 194 17.34 9.12 5.54
N SER A 195 16.28 8.64 4.87
CA SER A 195 16.42 7.64 3.82
C SER A 195 17.00 8.31 2.56
N ILE A 196 16.59 9.54 2.24
CA ILE A 196 17.12 10.25 1.09
C ILE A 196 18.59 10.57 1.34
N LEU A 197 18.93 11.12 2.53
CA LEU A 197 20.30 11.54 2.83
C LEU A 197 21.28 10.42 3.14
N HIS A 198 20.86 9.39 3.90
CA HIS A 198 21.77 8.34 4.36
C HIS A 198 21.37 6.91 3.98
N ARG A 199 20.35 6.70 3.10
CA ARG A 199 19.93 5.36 2.68
C ARG A 199 19.50 4.44 3.85
N ILE A 200 19.00 5.05 4.95
CA ILE A 200 18.57 4.35 6.17
C ILE A 200 17.06 4.22 6.18
N TYR A 201 16.56 2.97 6.36
CA TYR A 201 15.15 2.66 6.40
C TYR A 201 14.84 1.92 7.70
N THR A 202 13.73 2.29 8.33
CA THR A 202 13.27 1.73 9.61
C THR A 202 11.73 1.70 9.57
N HIS A 203 11.07 1.17 10.63
CA HIS A 203 9.63 1.24 10.76
C HIS A 203 9.18 2.72 10.83
N GLN A 204 10.01 3.62 11.41
CA GLN A 204 9.66 5.04 11.49
C GLN A 204 9.79 5.76 10.12
N SER A 205 10.63 5.28 9.19
CA SER A 205 10.65 5.87 7.84
C SER A 205 9.40 5.36 7.07
N ASP A 206 8.86 4.13 7.39
CA ASP A 206 7.59 3.68 6.81
C ASP A 206 6.43 4.58 7.30
N VAL A 207 6.51 5.11 8.56
CA VAL A 207 5.49 6.04 9.10
C VAL A 207 5.49 7.32 8.24
N TRP A 208 6.67 7.82 7.83
CA TRP A 208 6.74 9.00 6.93
C TRP A 208 5.97 8.69 5.64
N SER A 209 6.22 7.52 5.02
CA SER A 209 5.54 7.11 3.80
C SER A 209 4.05 6.98 4.02
N TYR A 210 3.62 6.48 5.19
CA TYR A 210 2.22 6.39 5.57
C TYR A 210 1.59 7.79 5.56
N GLY A 211 2.26 8.78 6.13
CA GLY A 211 1.78 10.16 6.11
C GLY A 211 1.55 10.68 4.70
N VAL A 212 2.48 10.35 3.78
CA VAL A 212 2.36 10.73 2.36
C VAL A 212 1.18 9.97 1.73
N THR A 213 1.01 8.69 2.05
CA THR A 213 -0.13 7.88 1.55
C THR A 213 -1.47 8.51 2.02
N VAL A 214 -1.57 8.91 3.29
CA VAL A 214 -2.76 9.57 3.83
C VAL A 214 -3.03 10.88 3.03
N TRP A 215 -2.00 11.70 2.80
CA TRP A 215 -2.12 12.92 1.99
C TRP A 215 -2.66 12.59 0.57
N GLU A 216 -2.17 11.49 -0.06
CA GLU A 216 -2.69 11.04 -1.36
C GLU A 216 -4.20 10.75 -1.27
N LEU A 217 -4.66 10.05 -0.23
CA LEU A 217 -6.08 9.71 -0.09
C LEU A 217 -6.94 10.97 0.13
N MET A 218 -6.51 11.85 1.03
CA MET A 218 -7.25 13.06 1.40
C MET A 218 -7.36 14.07 0.25
N THR A 219 -6.41 14.03 -0.73
CA THR A 219 -6.44 14.88 -1.94
C THR A 219 -7.07 14.14 -3.14
N PHE A 220 -7.65 12.95 -2.92
CA PHE A 220 -8.24 12.11 -3.94
C PHE A 220 -7.23 11.76 -5.06
N GLY A 221 -6.02 11.43 -4.65
CA GLY A 221 -4.98 10.98 -5.56
C GLY A 221 -4.16 12.04 -6.24
N SER A 222 -3.90 13.18 -5.57
CA SER A 222 -3.02 14.20 -6.14
C SER A 222 -1.58 13.68 -6.08
N LYS A 223 -0.74 14.19 -6.98
CA LYS A 223 0.66 13.80 -7.03
C LYS A 223 1.44 14.65 -6.00
N PRO A 224 2.22 14.03 -5.08
CA PRO A 224 2.93 14.86 -4.08
C PRO A 224 4.09 15.63 -4.71
N TYR A 225 4.28 16.91 -4.35
CA TYR A 225 5.36 17.76 -4.88
C TYR A 225 5.33 17.75 -6.43
N ASP A 226 4.14 17.98 -6.99
CA ASP A 226 3.93 17.88 -8.43
C ASP A 226 4.71 18.97 -9.18
N GLY A 227 5.48 18.57 -10.19
CA GLY A 227 6.29 19.52 -10.95
C GLY A 227 7.59 19.93 -10.25
N ILE A 228 7.92 19.30 -9.09
CA ILE A 228 9.15 19.58 -8.35
C ILE A 228 10.11 18.39 -8.58
N PRO A 229 11.37 18.58 -9.06
CA PRO A 229 12.24 17.42 -9.30
C PRO A 229 12.63 16.70 -8.02
N ALA A 230 12.74 15.35 -8.06
CA ALA A 230 13.08 14.54 -6.88
C ALA A 230 14.40 14.97 -6.22
N SER A 231 15.34 15.52 -7.01
CA SER A 231 16.63 15.99 -6.50
C SER A 231 16.52 17.21 -5.56
N GLU A 232 15.41 17.97 -5.63
CA GLU A 232 15.20 19.12 -4.76
C GLU A 232 14.49 18.76 -3.44
N ILE A 233 13.97 17.55 -3.29
CA ILE A 233 13.15 17.19 -2.14
C ILE A 233 13.90 17.31 -0.80
N SER A 234 15.13 16.81 -0.69
CA SER A 234 15.87 16.88 0.58
C SER A 234 16.04 18.33 1.06
N SER A 235 16.35 19.26 0.14
CA SER A 235 16.52 20.67 0.49
C SER A 235 15.19 21.31 0.91
N ILE A 236 14.08 20.94 0.22
CA ILE A 236 12.73 21.41 0.56
C ILE A 236 12.39 20.96 2.01
N LEU A 237 12.69 19.71 2.34
CA LEU A 237 12.40 19.16 3.68
C LEU A 237 13.31 19.75 4.77
N GLU A 238 14.59 20.02 4.45
CA GLU A 238 15.50 20.65 5.43
C GLU A 238 15.08 22.09 5.72
N LYS A 239 14.45 22.80 4.74
CA LYS A 239 13.90 24.15 4.96
C LYS A 239 12.59 24.15 5.79
N GLY A 240 12.06 22.97 6.16
CA GLY A 240 10.83 22.86 6.94
C GLY A 240 9.55 22.86 6.13
N GLU A 241 9.65 22.78 4.80
CA GLU A 241 8.48 22.76 3.94
C GLU A 241 7.90 21.35 3.89
N ARG A 242 6.58 21.25 3.80
CA ARG A 242 5.88 19.97 3.75
C ARG A 242 4.71 20.05 2.77
N LEU A 243 4.10 18.90 2.45
CA LEU A 243 2.95 18.84 1.58
C LEU A 243 1.80 19.70 2.15
N PRO A 244 0.96 20.32 1.31
CA PRO A 244 -0.05 21.24 1.85
C PRO A 244 -1.20 20.58 2.59
N GLN A 245 -1.95 21.39 3.34
CA GLN A 245 -3.13 20.90 4.03
C GLN A 245 -4.21 20.58 2.98
N PRO A 246 -4.72 19.32 2.85
CA PRO A 246 -5.79 19.08 1.87
C PRO A 246 -7.06 19.88 2.25
N PRO A 247 -7.83 20.45 1.30
CA PRO A 247 -9.01 21.28 1.71
C PRO A 247 -10.11 20.58 2.54
N ILE A 248 -10.22 19.24 2.48
CA ILE A 248 -11.23 18.53 3.30
C ILE A 248 -10.72 18.28 4.74
N CYS A 249 -9.40 18.37 4.98
CA CYS A 249 -8.85 18.05 6.28
C CYS A 249 -9.02 19.13 7.32
N THR A 250 -9.59 18.77 8.49
CA THR A 250 -9.58 19.67 9.63
C THR A 250 -8.12 19.62 10.17
N ILE A 251 -7.79 20.55 11.04
CA ILE A 251 -6.45 20.66 11.59
C ILE A 251 -5.96 19.37 12.28
N ASP A 252 -6.83 18.65 13.00
CA ASP A 252 -6.43 17.43 13.71
C ASP A 252 -5.90 16.39 12.73
N VAL A 253 -6.54 16.27 11.57
CA VAL A 253 -6.10 15.29 10.57
C VAL A 253 -4.75 15.74 9.99
N TYR A 254 -4.63 17.02 9.62
CA TYR A 254 -3.38 17.51 9.06
C TYR A 254 -2.22 17.39 10.05
N MET A 255 -2.49 17.61 11.36
CA MET A 255 -1.42 17.53 12.36
C MET A 255 -0.84 16.12 12.45
N ILE A 256 -1.68 15.07 12.24
CA ILE A 256 -1.19 13.68 12.19
C ILE A 256 -0.21 13.53 11.04
N MET A 257 -0.55 14.06 9.84
CA MET A 257 0.36 14.00 8.68
C MET A 257 1.66 14.71 9.00
N ARG A 258 1.58 15.89 9.62
CA ARG A 258 2.77 16.64 9.97
C ARG A 258 3.64 15.92 11.00
N LYS A 259 3.03 15.19 11.94
CA LYS A 259 3.79 14.43 12.93
C LYS A 259 4.55 13.27 12.21
N CYS A 260 3.93 12.66 11.19
CA CYS A 260 4.58 11.59 10.40
C CYS A 260 5.84 12.11 9.67
N TRP A 261 5.90 13.43 9.40
CA TRP A 261 7.01 14.04 8.66
C TRP A 261 8.00 14.84 9.51
N MET A 262 8.11 14.51 10.80
N MET A 262 8.13 14.47 10.79
CA MET A 262 9.06 15.19 11.68
CA MET A 262 9.08 15.10 11.69
C MET A 262 10.47 14.68 11.37
C MET A 262 10.49 14.70 11.28
N ILE A 263 11.48 15.57 11.50
CA ILE A 263 12.89 15.24 11.20
C ILE A 263 13.33 14.12 12.14
N ASP A 264 13.02 14.24 13.44
CA ASP A 264 13.39 13.22 14.41
C ASP A 264 12.48 12.01 14.24
N ALA A 265 13.02 10.88 13.73
CA ALA A 265 12.26 9.65 13.48
C ALA A 265 11.50 9.12 14.70
N ASP A 266 12.13 9.12 15.89
CA ASP A 266 11.48 8.64 17.11
C ASP A 266 10.34 9.56 17.59
N SER A 267 10.28 10.81 17.14
CA SER A 267 9.19 11.71 17.49
C SER A 267 7.92 11.48 16.62
N ARG A 268 8.02 10.72 15.53
CA ARG A 268 6.89 10.46 14.65
C ARG A 268 5.91 9.52 15.35
N PRO A 269 4.62 9.47 14.95
CA PRO A 269 3.73 8.48 15.59
C PRO A 269 4.21 7.05 15.35
N LYS A 270 3.74 6.14 16.17
CA LYS A 270 3.96 4.72 15.91
C LYS A 270 2.65 4.24 15.24
N PHE A 271 2.72 3.15 14.46
CA PHE A 271 1.51 2.60 13.80
C PHE A 271 0.43 2.25 14.82
N ARG A 272 0.84 1.70 15.96
N ARG A 272 0.85 1.70 15.96
CA ARG A 272 -0.09 1.40 17.05
CA ARG A 272 -0.09 1.40 17.06
C ARG A 272 -0.89 2.65 17.50
C ARG A 272 -0.89 2.65 17.50
N GLU A 273 -0.25 3.81 17.54
CA GLU A 273 -0.91 5.07 17.92
C GLU A 273 -1.81 5.60 16.79
N LEU A 274 -1.39 5.40 15.53
CA LEU A 274 -2.16 5.85 14.37
C LEU A 274 -3.46 5.05 14.25
N ILE A 275 -3.42 3.75 14.56
CA ILE A 275 -4.65 2.91 14.59
C ILE A 275 -5.66 3.57 15.59
N ILE A 276 -5.19 3.90 16.80
CA ILE A 276 -6.06 4.47 17.86
C ILE A 276 -6.64 5.83 17.48
N GLU A 277 -5.78 6.73 17.02
CA GLU A 277 -6.19 8.07 16.66
C GLU A 277 -7.15 8.07 15.46
N PHE A 278 -6.82 7.37 14.37
CA PHE A 278 -7.73 7.33 13.22
C PHE A 278 -9.02 6.57 13.56
N SER A 279 -8.99 5.56 14.45
CA SER A 279 -10.22 4.87 14.84
C SER A 279 -11.13 5.84 15.61
N LYS A 280 -10.55 6.66 16.47
CA LYS A 280 -11.31 7.68 17.20
C LYS A 280 -12.01 8.65 16.25
N MET A 281 -11.29 9.10 15.21
CA MET A 281 -11.83 9.99 14.19
C MET A 281 -12.91 9.29 13.37
N ALA A 282 -12.73 7.98 13.05
CA ALA A 282 -13.74 7.21 12.31
C ALA A 282 -15.05 7.04 13.12
N ARG A 283 -15.01 7.18 14.46
CA ARG A 283 -16.23 7.12 15.28
C ARG A 283 -17.07 8.42 15.17
N ASP A 284 -16.53 9.53 14.62
CA ASP A 284 -17.30 10.79 14.40
C ASP A 284 -16.68 11.42 13.14
N PRO A 285 -16.87 10.80 11.96
CA PRO A 285 -16.11 11.21 10.76
C PRO A 285 -16.35 12.62 10.21
N GLN A 286 -17.57 13.16 10.31
CA GLN A 286 -17.88 14.50 9.81
C GLN A 286 -17.26 15.62 10.66
N ARG A 287 -16.82 15.32 11.90
CA ARG A 287 -16.10 16.28 12.72
C ARG A 287 -14.66 16.49 12.20
N TYR A 288 -14.03 15.43 11.62
CA TYR A 288 -12.64 15.47 11.23
C TYR A 288 -12.38 15.73 9.74
N LEU A 289 -13.33 15.40 8.85
CA LEU A 289 -13.18 15.70 7.42
C LEU A 289 -14.44 16.40 6.97
N VAL A 290 -14.29 17.52 6.26
CA VAL A 290 -15.42 18.31 5.77
C VAL A 290 -15.53 18.08 4.27
N ILE A 291 -16.53 17.31 3.84
CA ILE A 291 -16.76 16.98 2.44
C ILE A 291 -18.17 17.42 2.06
N GLN A 292 -18.31 18.24 1.01
CA GLN A 292 -19.62 18.69 0.55
C GLN A 292 -20.45 17.49 0.06
N GLY A 293 -21.66 17.34 0.60
CA GLY A 293 -22.56 16.25 0.24
C GLY A 293 -22.20 14.90 0.83
N ASP A 294 -21.38 14.89 1.90
CA ASP A 294 -20.92 13.67 2.57
C ASP A 294 -22.05 12.69 2.91
N GLU A 295 -23.14 13.17 3.53
CA GLU A 295 -24.27 12.30 3.90
C GLU A 295 -24.98 11.63 2.71
N ARG A 296 -24.89 12.22 1.50
CA ARG A 296 -25.52 11.66 0.30
C ARG A 296 -24.66 10.63 -0.44
N MET A 297 -23.38 10.45 -0.05
CA MET A 297 -22.48 9.56 -0.77
C MET A 297 -22.68 8.09 -0.40
N HIS A 298 -22.51 7.19 -1.38
CA HIS A 298 -22.64 5.76 -1.17
C HIS A 298 -21.69 5.01 -2.10
N LEU A 299 -21.08 3.93 -1.60
CA LEU A 299 -20.21 3.06 -2.40
C LEU A 299 -20.71 1.61 -2.19
N PRO A 300 -20.62 0.70 -3.19
CA PRO A 300 -21.12 -0.67 -2.98
C PRO A 300 -20.50 -1.40 -1.79
N SER A 301 -21.30 -2.15 -1.02
CA SER A 301 -20.86 -2.89 0.16
C SER A 301 -21.29 -4.36 0.04
N PRO A 302 -20.52 -5.39 0.50
CA PRO A 302 -21.02 -6.78 0.39
C PRO A 302 -22.36 -7.02 1.07
N THR A 303 -22.75 -6.17 2.06
CA THR A 303 -24.05 -6.26 2.74
C THR A 303 -25.22 -5.81 1.83
N ASP A 304 -24.94 -5.07 0.72
CA ASP A 304 -26.00 -4.65 -0.22
C ASP A 304 -26.44 -5.86 -1.02
N SER A 305 -27.75 -5.96 -1.30
CA SER A 305 -28.34 -7.06 -2.07
C SER A 305 -27.78 -7.17 -3.46
N ASN A 306 -27.50 -6.01 -4.09
CA ASN A 306 -27.01 -5.91 -5.45
C ASN A 306 -25.47 -5.73 -5.53
N PHE A 307 -24.71 -6.13 -4.49
CA PHE A 307 -23.24 -5.97 -4.52
C PHE A 307 -22.62 -6.68 -5.71
N TYR A 308 -23.12 -7.89 -6.05
CA TYR A 308 -22.64 -8.65 -7.20
C TYR A 308 -22.62 -7.85 -8.50
N ARG A 309 -23.49 -6.83 -8.63
CA ARG A 309 -23.55 -5.99 -9.82
C ARG A 309 -22.27 -5.21 -9.99
N ALA A 310 -21.68 -4.72 -8.88
CA ALA A 310 -20.42 -3.98 -8.94
C ALA A 310 -19.27 -4.88 -9.40
N LEU A 311 -19.29 -6.17 -9.03
CA LEU A 311 -18.25 -7.12 -9.40
C LEU A 311 -18.30 -7.59 -10.87
N MET A 312 -19.33 -7.21 -11.66
CA MET A 312 -19.41 -7.65 -13.07
C MET A 312 -18.20 -7.21 -13.87
N GLU A 325 8.75 8.17 -10.56
CA GLU A 325 8.37 7.85 -9.18
C GLU A 325 9.57 7.26 -8.43
N TYR A 326 10.28 6.29 -9.05
CA TYR A 326 11.43 5.61 -8.45
C TYR A 326 12.69 6.13 -9.15
N LEU A 327 13.67 6.62 -8.36
CA LEU A 327 14.90 7.19 -8.92
C LEU A 327 16.17 6.68 -8.23
N ILE A 328 17.31 6.74 -8.94
CA ILE A 328 18.62 6.32 -8.42
C ILE A 328 19.02 7.36 -7.36
N PRO A 329 19.43 6.98 -6.13
CA PRO A 329 19.82 8.00 -5.13
C PRO A 329 21.18 8.65 -5.41
C1 EDO B . 17.83 -1.79 -2.06
O1 EDO B . 19.10 -1.68 -1.46
C2 EDO B . 17.65 -0.60 -2.96
O2 EDO B . 17.39 0.58 -2.22
C1 EDO C . 7.10 18.42 10.23
O1 EDO C . 5.97 18.04 9.48
C2 EDO C . 6.67 19.41 11.26
O2 EDO C . 6.44 20.66 10.62
N1 A1IE0 D . -5.64 -7.42 -8.07
N3 A1IE0 D . 2.18 -3.50 -7.18
C4 A1IE0 D . -2.94 -0.93 -10.45
C5 A1IE0 D . -3.06 0.43 -10.40
C6 A1IE0 D . -2.68 1.15 -9.37
C7 A1IE0 D . -3.57 -4.02 -10.80
C8 A1IE0 D . -3.80 -4.77 -9.91
C10 A1IE0 D . -5.33 -6.41 -8.91
C13 A1IE0 D . -3.10 -6.22 -8.00
C15 A1IE0 D . -0.59 -5.93 -7.14
C17 A1IE0 D . -0.54 -8.73 -8.26
C20 A1IE0 D . 0.70 -10.62 -6.69
C21 A1IE0 D . 0.47 -9.36 -6.16
C22 A1IE0 D . 2.28 -8.84 -4.69
C24 A1IE0 D . -0.31 -3.90 -8.08
C26 A1IE0 D . 1.40 -2.30 -7.49
O2 A1IE0 D . 2.30 -5.60 -6.40
C27 A1IE0 D . 1.64 -4.70 -6.90
C23 A1IE0 D . 0.30 -4.85 -7.28
N2 A1IE0 D . -0.39 -7.10 -6.42
C16 A1IE0 D . -0.15 -8.38 -6.96
O1 A1IE0 D . 0.88 -9.05 -4.89
F A1IE0 D . 1.24 -11.55 -5.90
C19 A1IE0 D . 0.28 -10.97 -7.94
C18 A1IE0 D . -0.37 -10.02 -8.72
C25 A1IE0 D . 0.33 -2.63 -8.52
N4 A1IE0 D . -1.58 -4.30 -8.36
C14 A1IE0 D . -1.78 -5.57 -7.89
C12 A1IE0 D . -3.46 -7.25 -7.12
C11 A1IE0 D . -4.72 -7.79 -7.18
C9 A1IE0 D . -4.10 -5.75 -8.89
C A1IE0 D . -2.99 -3.05 -11.76
N A1IE0 D . -3.31 -1.65 -11.54
O A1IE0 D . -2.44 -1.51 -9.50
C3 A1IE0 D . -3.93 -1.05 -12.74
C2 A1IE0 D . -4.48 -2.26 -13.46
C1 A1IE0 D . -3.45 -3.32 -13.20
#